data_4A60
#
_entry.id   4A60
#
_cell.length_a   75.486
_cell.length_b   75.486
_cell.length_c   113.298
_cell.angle_alpha   90.00
_cell.angle_beta   90.00
_cell.angle_gamma   90.00
#
_symmetry.space_group_name_H-M   'P 41 21 2'
#
loop_
_entity.id
_entity.type
_entity.pdbx_description
1 polymer 'FATTY ACID-BINDING PROTEIN 9 TESTIS LIPID-BINDING PROTEIN, TLBP, TESTIS-TYPE FATTY ACID-BINDING PROTEIN, T-FABP'
2 non-polymer 'SODIUM ION'
3 non-polymer 1,2-ETHANEDIOL
4 water water
#
_entity_poly.entity_id   1
_entity_poly.type   'polypeptide(L)'
_entity_poly.pdbx_seq_one_letter_code
;MHHHHHHSSGVDLGTENLYFQSMVEPFLGTWKLVSSENFEDYMKELGVNFAARNMAGLVKPTVTISVDGKMMTIRTESSF
QDTKISFKLGEEFDETTADNRKVKSTITLENGSMIHVQKWLGKETTIKRKIVDEKMVVECKMNNIVSTRIYEKV
;
_entity_poly.pdbx_strand_id   A
#
# COMPACT_ATOMS: atom_id res chain seq x y z
N LEU A 13 25.68 -10.70 -2.13
CA LEU A 13 24.74 -9.98 -2.99
C LEU A 13 24.65 -8.48 -2.63
N GLY A 14 25.64 -7.96 -1.90
CA GLY A 14 25.72 -6.53 -1.54
C GLY A 14 25.73 -5.73 -2.81
N THR A 15 26.77 -6.04 -3.65
CA THR A 15 26.97 -5.39 -4.95
C THR A 15 25.71 -5.54 -5.79
N GLU A 16 24.91 -6.66 -5.59
CA GLU A 16 23.68 -6.85 -6.39
C GLU A 16 22.53 -5.84 -6.06
N ASN A 17 22.62 -5.13 -4.91
CA ASN A 17 21.62 -4.20 -4.45
C ASN A 17 21.94 -2.73 -4.72
N LEU A 18 22.94 -2.42 -5.58
CA LEU A 18 23.24 -1.00 -5.77
C LEU A 18 22.01 -0.25 -6.34
N TYR A 19 21.42 -0.81 -7.40
CA TYR A 19 20.25 -0.12 -7.98
C TYR A 19 19.01 -0.33 -7.11
N PHE A 20 18.92 -1.47 -6.41
CA PHE A 20 17.79 -1.71 -5.54
C PHE A 20 17.69 -0.65 -4.45
N GLN A 21 18.81 -0.36 -3.76
CA GLN A 21 18.74 0.60 -2.64
C GLN A 21 18.33 1.98 -3.18
N SER A 22 18.76 2.31 -4.40
CA SER A 22 18.40 3.61 -4.97
C SER A 22 16.89 3.71 -5.22
N MET A 23 16.28 2.64 -5.75
CA MET A 23 14.85 2.80 -6.06
C MET A 23 13.97 2.70 -4.80
N VAL A 24 14.41 1.96 -3.74
CA VAL A 24 13.52 1.83 -2.59
C VAL A 24 13.70 2.97 -1.57
N GLU A 25 14.90 3.60 -1.51
CA GLU A 25 15.19 4.59 -0.48
C GLU A 25 14.09 5.65 -0.28
N PRO A 26 13.48 6.25 -1.35
CA PRO A 26 12.50 7.33 -1.09
C PRO A 26 11.27 6.87 -0.30
N PHE A 27 10.97 5.57 -0.33
CA PHE A 27 9.75 5.06 0.32
C PHE A 27 9.96 4.75 1.81
N LEU A 28 11.23 4.62 2.25
CA LEU A 28 11.48 4.21 3.63
C LEU A 28 11.07 5.25 4.65
N GLY A 29 10.45 4.78 5.72
CA GLY A 29 10.11 5.70 6.80
C GLY A 29 8.76 5.42 7.46
N THR A 30 8.41 6.24 8.43
CA THR A 30 7.19 6.12 9.20
C THR A 30 6.27 7.23 8.70
N TRP A 31 5.28 6.86 7.88
CA TRP A 31 4.39 7.79 7.21
C TRP A 31 3.08 7.90 7.96
N LYS A 32 2.53 9.11 8.04
CA LYS A 32 1.25 9.33 8.72
CA LYS A 32 1.25 9.31 8.71
C LYS A 32 0.28 9.97 7.74
N LEU A 33 -0.97 9.46 7.69
CA LEU A 33 -1.97 9.98 6.77
C LEU A 33 -2.27 11.45 7.07
N VAL A 34 -2.27 12.29 6.02
CA VAL A 34 -2.61 13.70 6.20
CA VAL A 34 -2.57 13.74 6.10
C VAL A 34 -3.91 14.03 5.44
N SER A 35 -4.20 13.36 4.29
CA SER A 35 -5.44 13.65 3.59
C SER A 35 -5.91 12.44 2.84
N SER A 36 -7.22 12.40 2.58
CA SER A 36 -7.82 11.26 1.93
C SER A 36 -9.00 11.70 1.10
N GLU A 37 -9.17 11.07 -0.05
CA GLU A 37 -10.28 11.36 -0.94
CA GLU A 37 -10.24 11.37 -0.98
C GLU A 37 -10.87 10.05 -1.44
N ASN A 38 -12.19 9.91 -1.27
CA ASN A 38 -12.98 8.79 -1.74
C ASN A 38 -12.64 7.42 -1.19
N PHE A 39 -12.05 7.36 0.01
CA PHE A 39 -11.67 6.08 0.56
CA PHE A 39 -11.69 6.12 0.69
C PHE A 39 -12.91 5.24 0.92
N GLU A 40 -14.03 5.86 1.40
CA GLU A 40 -15.22 5.05 1.70
C GLU A 40 -15.75 4.31 0.47
N ASP A 41 -15.87 5.00 -0.68
CA ASP A 41 -16.37 4.34 -1.88
C ASP A 41 -15.41 3.25 -2.37
N TYR A 42 -14.09 3.46 -2.19
CA TYR A 42 -13.13 2.44 -2.58
C TYR A 42 -13.35 1.18 -1.69
N MET A 43 -13.46 1.38 -0.37
CA MET A 43 -13.69 0.28 0.56
CA MET A 43 -13.68 0.27 0.56
C MET A 43 -15.00 -0.43 0.25
N LYS A 44 -16.02 0.33 -0.18
CA LYS A 44 -17.31 -0.28 -0.54
C LYS A 44 -17.09 -1.29 -1.68
N GLU A 45 -16.26 -0.89 -2.68
CA GLU A 45 -15.97 -1.75 -3.82
C GLU A 45 -15.27 -3.05 -3.38
N LEU A 46 -14.43 -2.96 -2.33
CA LEU A 46 -13.76 -4.16 -1.78
C LEU A 46 -14.73 -5.12 -1.07
N GLY A 47 -15.93 -4.63 -0.71
CA GLY A 47 -16.94 -5.43 -0.04
C GLY A 47 -17.06 -5.15 1.44
N VAL A 48 -16.41 -4.08 1.93
CA VAL A 48 -16.46 -3.68 3.36
C VAL A 48 -17.83 -3.02 3.65
N ASN A 49 -18.45 -3.31 4.81
CA ASN A 49 -19.77 -2.77 5.09
C ASN A 49 -19.71 -1.28 5.52
N PHE A 50 -20.90 -0.64 5.66
CA PHE A 50 -20.91 0.79 5.90
C PHE A 50 -20.22 1.17 7.21
N ALA A 51 -20.50 0.46 8.32
CA ALA A 51 -19.85 0.86 9.57
C ALA A 51 -18.33 0.83 9.45
N ALA A 52 -17.79 -0.24 8.84
CA ALA A 52 -16.34 -0.37 8.76
C ALA A 52 -15.75 0.72 7.88
N ARG A 53 -16.37 0.98 6.70
CA ARG A 53 -15.74 1.97 5.83
C ARG A 53 -15.90 3.39 6.39
N ASN A 54 -17.04 3.67 7.03
CA ASN A 54 -17.26 5.01 7.60
C ASN A 54 -16.28 5.27 8.77
N MET A 55 -16.13 4.29 9.67
CA MET A 55 -15.24 4.53 10.81
C MET A 55 -13.78 4.48 10.40
N ALA A 56 -13.42 3.54 9.49
CA ALA A 56 -12.00 3.47 9.06
C ALA A 56 -11.62 4.70 8.26
N GLY A 57 -12.59 5.31 7.57
CA GLY A 57 -12.30 6.49 6.76
C GLY A 57 -11.92 7.72 7.56
N LEU A 58 -12.24 7.70 8.86
CA LEU A 58 -12.00 8.86 9.73
C LEU A 58 -10.62 8.83 10.41
N VAL A 59 -9.97 7.67 10.47
CA VAL A 59 -8.70 7.58 11.18
C VAL A 59 -7.52 7.90 10.27
N LYS A 60 -6.35 8.12 10.91
CA LYS A 60 -5.13 8.46 10.18
C LYS A 60 -4.12 7.38 10.47
N PRO A 61 -4.04 6.35 9.62
CA PRO A 61 -3.08 5.28 9.88
C PRO A 61 -1.63 5.73 9.78
N THR A 62 -0.76 4.95 10.43
CA THR A 62 0.70 5.09 10.33
C THR A 62 1.15 3.93 9.48
N VAL A 63 1.92 4.22 8.39
CA VAL A 63 2.38 3.18 7.46
C VAL A 63 3.88 3.22 7.53
N THR A 64 4.49 2.12 8.01
CA THR A 64 5.94 2.05 8.18
C THR A 64 6.51 1.18 7.10
N ILE A 65 7.43 1.75 6.28
CA ILE A 65 8.03 1.01 5.18
C ILE A 65 9.50 0.82 5.51
N SER A 66 9.94 -0.43 5.57
CA SER A 66 11.32 -0.72 5.92
C SER A 66 11.87 -1.80 5.03
N VAL A 67 13.20 -2.03 5.10
CA VAL A 67 13.80 -3.10 4.32
CA VAL A 67 13.83 -3.06 4.28
C VAL A 67 14.87 -3.76 5.15
N ASP A 68 15.06 -5.05 4.91
CA ASP A 68 16.13 -5.83 5.54
C ASP A 68 16.72 -6.61 4.38
N GLY A 69 17.83 -6.13 3.82
CA GLY A 69 18.41 -6.76 2.64
C GLY A 69 17.55 -6.50 1.43
N LYS A 70 16.97 -7.57 0.88
CA LYS A 70 16.05 -7.44 -0.27
C LYS A 70 14.60 -7.56 0.17
N MET A 71 14.33 -7.84 1.44
CA MET A 71 12.97 -8.04 1.91
C MET A 71 12.39 -6.75 2.42
N MET A 72 11.32 -6.29 1.77
CA MET A 72 10.65 -5.06 2.19
CA MET A 72 10.64 -5.08 2.19
CA MET A 72 10.58 -5.08 2.14
C MET A 72 9.48 -5.44 3.13
N THR A 73 9.21 -4.57 4.12
CA THR A 73 8.09 -4.76 5.04
C THR A 73 7.27 -3.49 4.99
N ILE A 74 5.94 -3.62 4.92
CA ILE A 74 5.03 -2.50 5.03
C ILE A 74 4.07 -2.83 6.17
N ARG A 75 4.10 -2.02 7.24
CA ARG A 75 3.23 -2.22 8.39
C ARG A 75 2.19 -1.11 8.36
N THR A 76 0.91 -1.44 8.61
CA THR A 76 -0.19 -0.46 8.65
C THR A 76 -0.81 -0.53 10.03
N GLU A 77 -0.77 0.60 10.76
CA GLU A 77 -1.34 0.64 12.12
C GLU A 77 -2.40 1.70 12.20
N SER A 78 -3.55 1.37 12.81
CA SER A 78 -4.59 2.35 13.07
C SER A 78 -5.34 1.87 14.32
N SER A 79 -6.39 2.59 14.71
CA SER A 79 -7.23 2.12 15.83
C SER A 79 -7.82 0.75 15.52
N PHE A 80 -7.94 0.41 14.21
CA PHE A 80 -8.67 -0.79 13.82
C PHE A 80 -7.84 -1.93 13.26
N GLN A 81 -6.51 -1.73 13.09
CA GLN A 81 -5.68 -2.83 12.58
C GLN A 81 -4.23 -2.62 12.94
N ASP A 82 -3.48 -3.72 12.91
CA ASP A 82 -2.02 -3.71 13.02
C ASP A 82 -1.61 -4.88 12.16
N THR A 83 -1.37 -4.59 10.87
CA THR A 83 -1.06 -5.64 9.93
CA THR A 83 -1.10 -5.60 9.87
C THR A 83 0.24 -5.35 9.20
N LYS A 84 0.89 -6.39 8.70
CA LYS A 84 2.12 -6.15 7.96
C LYS A 84 2.24 -7.18 6.87
N ILE A 85 2.96 -6.81 5.81
CA ILE A 85 3.34 -7.71 4.72
C ILE A 85 4.83 -7.58 4.55
N SER A 86 5.49 -8.69 4.25
CA SER A 86 6.91 -8.72 3.96
C SER A 86 7.04 -9.42 2.62
N PHE A 87 7.85 -8.85 1.72
CA PHE A 87 7.91 -9.37 0.36
C PHE A 87 9.17 -8.94 -0.34
N LYS A 88 9.44 -9.62 -1.45
CA LYS A 88 10.51 -9.28 -2.39
C LYS A 88 9.84 -8.71 -3.62
N LEU A 89 10.42 -7.64 -4.18
CA LEU A 89 9.85 -7.04 -5.38
C LEU A 89 9.77 -8.07 -6.53
N GLY A 90 8.61 -8.09 -7.19
CA GLY A 90 8.33 -8.95 -8.32
C GLY A 90 8.02 -10.41 -8.01
N GLU A 91 8.04 -10.79 -6.70
CA GLU A 91 7.76 -12.16 -6.30
CA GLU A 91 7.78 -12.17 -6.24
C GLU A 91 6.36 -12.25 -5.67
N GLU A 92 5.48 -13.02 -6.32
CA GLU A 92 4.10 -13.19 -5.84
C GLU A 92 4.11 -13.82 -4.44
N PHE A 93 3.18 -13.38 -3.59
CA PHE A 93 3.06 -13.90 -2.25
C PHE A 93 1.60 -13.94 -1.83
N ASP A 94 1.31 -14.79 -0.84
CA ASP A 94 -0.03 -14.89 -0.27
C ASP A 94 -0.21 -13.80 0.77
N GLU A 95 -1.35 -13.11 0.74
CA GLU A 95 -1.62 -12.09 1.71
C GLU A 95 -3.04 -12.24 2.24
N THR A 96 -3.21 -12.07 3.57
CA THR A 96 -4.54 -12.01 4.19
C THR A 96 -4.70 -10.58 4.60
N THR A 97 -5.67 -9.88 3.98
CA THR A 97 -5.80 -8.45 4.20
C THR A 97 -6.54 -8.14 5.52
N ALA A 98 -6.52 -6.86 5.95
CA ALA A 98 -7.19 -6.48 7.21
C ALA A 98 -8.71 -6.74 7.13
N ASP A 99 -9.28 -6.66 5.90
CA ASP A 99 -10.70 -6.90 5.69
C ASP A 99 -10.98 -8.38 5.31
N ASN A 100 -10.01 -9.28 5.64
CA ASN A 100 -10.19 -10.72 5.53
CA ASN A 100 -10.06 -10.75 5.51
C ASN A 100 -10.36 -11.24 4.10
N ARG A 101 -9.64 -10.66 3.17
CA ARG A 101 -9.58 -11.19 1.82
C ARG A 101 -8.30 -12.04 1.82
N LYS A 102 -8.28 -13.14 1.10
CA LYS A 102 -7.09 -13.97 0.93
C LYS A 102 -6.71 -13.81 -0.53
N VAL A 103 -5.63 -13.05 -0.79
CA VAL A 103 -5.28 -12.64 -2.14
C VAL A 103 -3.89 -13.11 -2.54
N LYS A 104 -3.63 -13.05 -3.86
CA LYS A 104 -2.30 -13.24 -4.42
C LYS A 104 -1.78 -11.85 -4.70
N SER A 105 -0.64 -11.49 -4.10
CA SER A 105 -0.11 -10.14 -4.23
C SER A 105 1.21 -10.13 -4.95
N THR A 106 1.43 -9.13 -5.82
CA THR A 106 2.74 -8.92 -6.44
C THR A 106 3.02 -7.44 -6.35
N ILE A 107 4.20 -7.09 -5.87
CA ILE A 107 4.57 -5.69 -5.73
C ILE A 107 5.81 -5.45 -6.56
N THR A 108 5.75 -4.48 -7.46
CA THR A 108 6.90 -4.10 -8.31
C THR A 108 7.22 -2.63 -8.12
N LEU A 109 8.38 -2.18 -8.61
CA LEU A 109 8.74 -0.79 -8.45
C LEU A 109 9.43 -0.40 -9.73
N GLU A 110 8.72 0.37 -10.54
CA GLU A 110 9.25 0.84 -11.82
CA GLU A 110 9.20 0.83 -11.85
C GLU A 110 8.91 2.31 -11.98
N ASN A 111 9.84 3.07 -12.56
CA ASN A 111 9.65 4.49 -12.81
C ASN A 111 9.25 5.26 -11.55
N GLY A 112 9.73 4.83 -10.39
CA GLY A 112 9.45 5.57 -9.17
C GLY A 112 8.10 5.30 -8.55
N SER A 113 7.35 4.33 -9.09
CA SER A 113 6.05 3.98 -8.53
CA SER A 113 6.05 3.97 -8.55
C SER A 113 6.07 2.55 -8.03
N MET A 114 5.70 2.36 -6.74
CA MET A 114 5.58 1.03 -6.18
CA MET A 114 5.56 1.04 -6.14
C MET A 114 4.15 0.57 -6.48
N ILE A 115 3.98 -0.50 -7.27
CA ILE A 115 2.65 -0.95 -7.67
C ILE A 115 2.35 -2.30 -7.04
N HIS A 116 1.28 -2.35 -6.25
CA HIS A 116 0.88 -3.56 -5.55
C HIS A 116 -0.43 -4.02 -6.16
N VAL A 117 -0.41 -5.20 -6.78
CA VAL A 117 -1.62 -5.77 -7.38
CA VAL A 117 -1.62 -5.75 -7.37
C VAL A 117 -2.09 -6.92 -6.50
N GLN A 118 -3.39 -6.93 -6.13
CA GLN A 118 -4.00 -8.01 -5.33
C GLN A 118 -5.00 -8.69 -6.21
N LYS A 119 -4.95 -10.01 -6.28
CA LYS A 119 -5.89 -10.77 -7.11
C LYS A 119 -6.58 -11.84 -6.28
N TRP A 120 -7.91 -11.93 -6.39
CA TRP A 120 -8.67 -12.94 -5.65
C TRP A 120 -10.02 -13.13 -6.33
N LEU A 121 -10.48 -14.39 -6.46
CA LEU A 121 -11.79 -14.72 -7.04
C LEU A 121 -12.05 -14.02 -8.38
N GLY A 122 -11.02 -13.87 -9.20
CA GLY A 122 -11.17 -13.22 -10.49
C GLY A 122 -11.28 -11.70 -10.42
N LYS A 123 -11.20 -11.12 -9.20
CA LYS A 123 -11.22 -9.68 -8.96
C LYS A 123 -9.80 -9.18 -8.82
N GLU A 124 -9.61 -7.85 -8.95
CA GLU A 124 -8.29 -7.25 -8.74
CA GLU A 124 -8.30 -7.22 -8.84
C GLU A 124 -8.40 -5.81 -8.26
N THR A 125 -7.42 -5.41 -7.45
CA THR A 125 -7.31 -4.05 -6.98
C THR A 125 -5.83 -3.70 -7.06
N THR A 126 -5.52 -2.42 -7.34
CA THR A 126 -4.14 -1.97 -7.42
CA THR A 126 -4.14 -1.94 -7.43
C THR A 126 -3.93 -0.82 -6.44
N ILE A 127 -2.80 -0.84 -5.76
CA ILE A 127 -2.40 0.18 -4.82
C ILE A 127 -1.07 0.71 -5.35
N LYS A 128 -1.03 1.96 -5.78
CA LYS A 128 0.19 2.55 -6.33
C LYS A 128 0.70 3.64 -5.40
N ARG A 129 2.00 3.63 -5.12
CA ARG A 129 2.61 4.63 -4.26
C ARG A 129 3.71 5.34 -5.00
N LYS A 130 3.79 6.65 -4.83
CA LYS A 130 4.89 7.42 -5.39
C LYS A 130 5.22 8.55 -4.44
N ILE A 131 6.43 9.12 -4.54
CA ILE A 131 6.83 10.22 -3.68
C ILE A 131 6.75 11.50 -4.51
N VAL A 132 5.96 12.48 -4.03
CA VAL A 132 5.75 13.77 -4.71
C VAL A 132 5.97 14.87 -3.69
N ASP A 133 6.97 15.75 -3.92
CA ASP A 133 7.27 16.87 -3.02
C ASP A 133 7.40 16.37 -1.55
N GLU A 134 8.16 15.25 -1.37
CA GLU A 134 8.48 14.59 -0.08
C GLU A 134 7.28 13.86 0.56
N LYS A 135 6.10 13.90 -0.07
CA LYS A 135 4.92 13.22 0.47
CA LYS A 135 4.91 13.23 0.44
C LYS A 135 4.69 11.90 -0.27
N MET A 136 4.10 10.93 0.40
CA MET A 136 3.81 9.65 -0.25
C MET A 136 2.36 9.73 -0.74
N VAL A 137 2.18 9.65 -2.07
CA VAL A 137 0.85 9.71 -2.68
C VAL A 137 0.43 8.31 -3.02
N VAL A 138 -0.70 7.86 -2.43
CA VAL A 138 -1.15 6.48 -2.62
C VAL A 138 -2.48 6.48 -3.37
N GLU A 139 -2.50 5.80 -4.53
CA GLU A 139 -3.70 5.67 -5.35
CA GLU A 139 -3.72 5.69 -5.32
C GLU A 139 -4.21 4.25 -5.30
N CYS A 140 -5.45 4.06 -4.80
CA CYS A 140 -6.10 2.76 -4.66
CA CYS A 140 -6.08 2.74 -4.71
C CYS A 140 -7.19 2.68 -5.72
N LYS A 141 -7.18 1.65 -6.57
CA LYS A 141 -8.18 1.56 -7.61
C LYS A 141 -8.80 0.17 -7.70
N MET A 142 -10.12 0.13 -7.79
CA MET A 142 -10.83 -1.11 -8.04
C MET A 142 -12.02 -0.80 -8.90
N ASN A 143 -12.15 -1.50 -10.03
CA ASN A 143 -13.25 -1.32 -10.99
C ASN A 143 -13.56 0.16 -11.27
N ASN A 144 -12.55 0.96 -11.59
CA ASN A 144 -12.73 2.40 -11.90
C ASN A 144 -13.20 3.27 -10.70
N ILE A 145 -13.13 2.74 -9.46
CA ILE A 145 -13.33 3.55 -8.27
C ILE A 145 -11.93 3.90 -7.78
N VAL A 146 -11.59 5.19 -7.64
CA VAL A 146 -10.24 5.59 -7.25
C VAL A 146 -10.26 6.35 -5.93
N SER A 147 -9.33 6.01 -5.03
CA SER A 147 -9.14 6.75 -3.79
C SER A 147 -7.70 7.22 -3.75
N THR A 148 -7.48 8.46 -3.28
CA THR A 148 -6.14 9.02 -3.19
C THR A 148 -5.87 9.38 -1.74
N ARG A 149 -4.79 8.86 -1.19
CA ARG A 149 -4.39 9.10 0.19
C ARG A 149 -3.00 9.65 0.22
N ILE A 150 -2.79 10.73 0.99
CA ILE A 150 -1.48 11.39 1.04
C ILE A 150 -0.95 11.29 2.46
N TYR A 151 0.32 10.90 2.56
CA TYR A 151 1.03 10.71 3.82
C TYR A 151 2.27 11.57 3.91
N GLU A 152 2.66 11.93 5.15
CA GLU A 152 3.87 12.72 5.41
CA GLU A 152 3.89 12.70 5.37
C GLU A 152 4.72 12.03 6.46
N LYS A 153 6.04 12.28 6.48
CA LYS A 153 6.89 11.67 7.52
C LYS A 153 7.80 12.71 8.18
#